data_6YXA
#
_entry.id   6YXA
#
_cell.length_a   130.152
_cell.length_b   130.152
_cell.length_c   157.621
_cell.angle_alpha   90.000
_cell.angle_beta   90.000
_cell.angle_gamma   90.000
#
_symmetry.space_group_name_H-M   'P 43 21 2'
#
loop_
_entity.id
_entity.type
_entity.pdbx_description
1 polymer 'GTP pyrophosphokinase'
2 non-polymer 'MANGANESE (II) ION'
#
_entity_poly.entity_id   1
_entity_poly.type   'polypeptide(L)'
_entity_poly.pdbx_seq_one_letter_code
;MANEQVLTAEQVIDKARSYLSDEHIAFVEKAYLYAEDAHREQYRKSGEPYIIHPIQVAGILVDLEMDPSTIAGGFLHDVV
EDTDVTLDDLKEAFSEEVAMLVDGVTKLGKIKYKSQEEQQAENHRKMFVAMAQDIRVILIKLADRLHNMRTLKHLPQEKQ
RRISNETLEIFAPLAHRLGISKIKWELEDTALRYLNPQQYYRIVNLMKKKRAERELYVDEVVNEVKKRVEEVNIKADFSG
RPKHIYSIYRKMVLQNKQFNEIYDLLAVRILVNSIKDCYAVLGIIHTCWKPMPGRFKDYIAMPKPNMYQSLHTTVIGPKG
DPLEVQIRTFEMHEIAEYGVAAHWAYKEGKAANEGATFEKKLSWFREILEFQNESTDAEEFMESLKIDLFSDMVYVFTPK
GDVIELPSGSVPIDFSYRIHSEIGNKTIGAKVNGKMVTLDHKLRTGDIVEILTSKHSYGPSQDWVKLAQTSQAKHKIRQF
FKKQRREENVEKGRELVEKEIKNLDFELKDVLTPENIQKVADKFNFSNEEDMYAAVGYNGITALQVANRLTEKERKHHHH
HH
;
_entity_poly.pdbx_strand_id   A
#
# COMPACT_ATOMS: atom_id res chain seq x y z
N ALA A 2 -4.30 -10.33 -34.83
CA ALA A 2 -4.02 -9.99 -33.44
C ALA A 2 -4.09 -8.49 -33.21
N ASN A 3 -5.23 -7.90 -33.55
CA ASN A 3 -5.48 -6.48 -33.32
C ASN A 3 -6.80 -6.35 -32.57
N GLU A 4 -6.75 -5.78 -31.37
CA GLU A 4 -7.98 -5.59 -30.61
C GLU A 4 -8.92 -4.65 -31.36
N GLN A 5 -10.20 -5.03 -31.40
CA GLN A 5 -11.14 -4.41 -32.31
C GLN A 5 -11.47 -2.97 -31.90
N VAL A 6 -12.14 -2.28 -32.82
CA VAL A 6 -12.70 -0.97 -32.56
C VAL A 6 -14.09 -1.15 -31.98
N LEU A 7 -14.33 -0.59 -30.80
CA LEU A 7 -15.63 -0.71 -30.16
C LEU A 7 -16.61 0.33 -30.72
N THR A 8 -17.89 0.00 -30.67
CA THR A 8 -18.92 0.91 -31.14
C THR A 8 -19.28 1.91 -30.04
N ALA A 9 -20.19 2.82 -30.36
CA ALA A 9 -20.58 3.84 -29.39
C ALA A 9 -21.59 3.29 -28.38
N GLU A 10 -22.48 2.41 -28.83
CA GLU A 10 -23.49 1.86 -27.92
C GLU A 10 -22.85 1.07 -26.80
N GLN A 11 -21.80 0.30 -27.11
CA GLN A 11 -21.10 -0.47 -26.08
C GLN A 11 -20.48 0.44 -25.03
N VAL A 12 -19.83 1.53 -25.47
CA VAL A 12 -19.21 2.45 -24.53
C VAL A 12 -20.27 3.15 -23.69
N ILE A 13 -21.39 3.53 -24.31
CA ILE A 13 -22.46 4.19 -23.57
C ILE A 13 -23.05 3.24 -22.52
N ASP A 14 -23.20 1.96 -22.86
CA ASP A 14 -23.72 1.00 -21.89
C ASP A 14 -22.71 0.74 -20.76
N LYS A 15 -21.43 0.68 -21.09
CA LYS A 15 -20.42 0.47 -20.06
C LYS A 15 -20.30 1.68 -19.15
N ALA A 16 -20.59 2.89 -19.66
CA ALA A 16 -20.65 4.05 -18.79
C ALA A 16 -21.92 4.04 -17.95
N ARG A 17 -23.03 3.59 -18.54
CA ARG A 17 -24.28 3.41 -17.80
C ARG A 17 -24.10 2.43 -16.64
N SER A 18 -23.20 1.46 -16.80
CA SER A 18 -22.97 0.47 -15.75
C SER A 18 -22.52 1.09 -14.43
N TYR A 19 -22.01 2.33 -14.44
CA TYR A 19 -21.58 2.96 -13.21
C TYR A 19 -22.02 4.42 -13.09
N LEU A 20 -22.95 4.89 -13.92
CA LEU A 20 -23.43 6.28 -13.88
C LEU A 20 -24.94 6.30 -13.73
N SER A 21 -25.48 7.51 -13.59
CA SER A 21 -26.91 7.74 -13.53
C SER A 21 -27.41 8.27 -14.87
N ASP A 22 -28.73 8.40 -14.98
CA ASP A 22 -29.34 8.74 -16.26
C ASP A 22 -28.91 10.11 -16.77
N GLU A 23 -28.65 11.05 -15.88
CA GLU A 23 -28.28 12.40 -16.30
C GLU A 23 -26.91 12.42 -16.96
N HIS A 24 -25.92 11.74 -16.35
CA HIS A 24 -24.60 11.65 -16.97
C HIS A 24 -24.66 10.89 -18.28
N ILE A 25 -25.54 9.88 -18.38
CA ILE A 25 -25.70 9.15 -19.63
C ILE A 25 -26.25 10.06 -20.72
N ALA A 26 -27.24 10.89 -20.37
CA ALA A 26 -27.77 11.84 -21.35
C ALA A 26 -26.70 12.84 -21.76
N PHE A 27 -25.88 13.29 -20.81
CA PHE A 27 -24.80 14.22 -21.12
C PHE A 27 -23.81 13.61 -22.13
N VAL A 28 -23.36 12.38 -21.85
CA VAL A 28 -22.38 11.76 -22.74
C VAL A 28 -23.01 11.39 -24.08
N GLU A 29 -24.32 11.10 -24.10
CA GLU A 29 -24.97 10.81 -25.38
C GLU A 29 -25.09 12.06 -26.24
N LYS A 30 -25.44 13.20 -25.61
CA LYS A 30 -25.44 14.46 -26.35
C LYS A 30 -24.04 14.80 -26.87
N ALA A 31 -23.02 14.56 -26.05
CA ALA A 31 -21.65 14.80 -26.50
C ALA A 31 -21.30 13.91 -27.69
N TYR A 32 -21.72 12.64 -27.65
CA TYR A 32 -21.44 11.72 -28.75
C TYR A 32 -22.14 12.16 -30.02
N LEU A 33 -23.42 12.55 -29.93
CA LEU A 33 -24.13 13.00 -31.11
C LEU A 33 -23.52 14.28 -31.67
N TYR A 34 -23.08 15.19 -30.80
CA TYR A 34 -22.41 16.40 -31.25
C TYR A 34 -21.11 16.08 -31.98
N ALA A 35 -20.33 15.14 -31.42
CA ALA A 35 -19.08 14.75 -32.07
C ALA A 35 -19.34 14.08 -33.41
N GLU A 36 -20.43 13.32 -33.52
CA GLU A 36 -20.79 12.70 -34.80
C GLU A 36 -21.16 13.76 -35.83
N ASP A 37 -22.03 14.70 -35.46
CA ASP A 37 -22.45 15.74 -36.40
C ASP A 37 -21.36 16.77 -36.66
N ALA A 38 -20.27 16.76 -35.88
CA ALA A 38 -19.21 17.75 -36.09
C ALA A 38 -18.39 17.42 -37.34
N HIS A 39 -17.78 16.24 -37.38
CA HIS A 39 -16.89 15.85 -38.47
C HIS A 39 -17.60 15.10 -39.59
N ARG A 40 -18.92 15.24 -39.70
CA ARG A 40 -19.63 14.53 -40.75
C ARG A 40 -19.20 15.02 -42.12
N GLU A 41 -18.97 14.07 -43.04
CA GLU A 41 -18.37 14.35 -44.35
C GLU A 41 -17.00 14.99 -44.21
N GLN A 42 -16.25 14.62 -43.17
CA GLN A 42 -14.90 15.11 -42.94
C GLN A 42 -14.11 13.96 -42.31
N TYR A 43 -13.38 13.22 -43.15
CA TYR A 43 -12.72 12.00 -42.74
C TYR A 43 -11.22 12.22 -42.62
N ARG A 44 -10.51 11.16 -42.22
CA ARG A 44 -9.08 11.23 -41.97
C ARG A 44 -8.30 11.21 -43.28
N LYS A 45 -6.99 11.38 -43.16
CA LYS A 45 -6.10 11.29 -44.31
C LYS A 45 -6.02 9.86 -44.84
N SER A 46 -6.14 8.88 -43.96
CA SER A 46 -6.06 7.47 -44.35
C SER A 46 -7.38 6.92 -44.87
N GLY A 47 -8.46 7.71 -44.83
CA GLY A 47 -9.75 7.26 -45.30
C GLY A 47 -10.63 6.62 -44.25
N GLU A 48 -10.11 6.36 -43.06
CA GLU A 48 -10.92 5.79 -42.00
C GLU A 48 -11.94 6.81 -41.51
N PRO A 49 -13.11 6.36 -41.05
CA PRO A 49 -14.13 7.29 -40.57
C PRO A 49 -13.62 8.20 -39.47
N TYR A 50 -14.31 9.33 -39.30
CA TYR A 50 -13.86 10.38 -38.39
C TYR A 50 -14.09 10.02 -36.93
N ILE A 51 -15.23 9.41 -36.62
CA ILE A 51 -15.66 9.25 -35.23
C ILE A 51 -14.98 8.09 -34.53
N ILE A 52 -14.27 7.24 -35.27
CA ILE A 52 -13.60 6.09 -34.65
C ILE A 52 -12.61 6.55 -33.59
N HIS A 53 -11.81 7.58 -33.90
CA HIS A 53 -10.80 8.04 -32.94
C HIS A 53 -11.42 8.63 -31.68
N PRO A 54 -12.36 9.59 -31.75
CA PRO A 54 -12.98 10.07 -30.50
C PRO A 54 -13.76 9.00 -29.77
N ILE A 55 -14.40 8.07 -30.49
CA ILE A 55 -15.13 7.00 -29.83
C ILE A 55 -14.19 6.10 -29.05
N GLN A 56 -13.03 5.77 -29.63
CA GLN A 56 -12.07 4.94 -28.92
C GLN A 56 -11.44 5.69 -27.74
N VAL A 57 -11.23 7.00 -27.90
CA VAL A 57 -10.70 7.79 -26.78
C VAL A 57 -11.70 7.79 -25.62
N ALA A 58 -12.98 8.03 -25.92
CA ALA A 58 -14.00 7.99 -24.88
C ALA A 58 -14.16 6.59 -24.30
N GLY A 59 -13.97 5.54 -25.09
CA GLY A 59 -14.02 4.20 -24.55
C GLY A 59 -12.89 3.91 -23.59
N ILE A 60 -11.68 4.38 -23.91
CA ILE A 60 -10.56 4.24 -23.00
C ILE A 60 -10.79 5.05 -21.73
N LEU A 61 -11.43 6.21 -21.86
CA LEU A 61 -11.73 7.02 -20.67
C LEU A 61 -12.77 6.34 -19.79
N VAL A 62 -13.81 5.75 -20.40
CA VAL A 62 -14.79 4.99 -19.64
C VAL A 62 -14.15 3.77 -19.00
N ASP A 63 -13.17 3.17 -19.68
CA ASP A 63 -12.43 2.06 -19.09
C ASP A 63 -11.79 2.45 -17.77
N LEU A 64 -11.42 3.71 -17.62
CA LEU A 64 -10.93 4.24 -16.36
C LEU A 64 -12.04 4.75 -15.46
N GLU A 65 -13.27 4.83 -15.96
CA GLU A 65 -14.43 5.26 -15.19
C GLU A 65 -14.23 6.66 -14.60
N MET A 66 -14.09 7.63 -15.50
CA MET A 66 -13.83 9.01 -15.10
C MET A 66 -15.13 9.78 -14.93
N ASP A 67 -15.00 11.06 -14.61
CA ASP A 67 -16.16 11.93 -14.50
C ASP A 67 -16.78 12.13 -15.89
N PRO A 68 -18.08 12.41 -15.95
CA PRO A 68 -18.73 12.58 -17.27
C PRO A 68 -18.16 13.72 -18.08
N SER A 69 -17.64 14.76 -17.44
CA SER A 69 -17.03 15.86 -18.18
C SER A 69 -15.78 15.41 -18.93
N THR A 70 -14.98 14.54 -18.30
CA THR A 70 -13.79 14.03 -18.98
C THR A 70 -14.16 13.17 -20.18
N ILE A 71 -15.20 12.34 -20.05
CA ILE A 71 -15.63 11.50 -21.15
C ILE A 71 -16.21 12.35 -22.28
N ALA A 72 -16.95 13.40 -21.93
CA ALA A 72 -17.47 14.31 -22.95
C ALA A 72 -16.34 15.04 -23.67
N GLY A 73 -15.31 15.45 -22.94
CA GLY A 73 -14.16 16.07 -23.58
C GLY A 73 -13.42 15.12 -24.49
N GLY A 74 -13.26 13.87 -24.05
CA GLY A 74 -12.65 12.87 -24.91
C GLY A 74 -13.45 12.61 -26.16
N PHE A 75 -14.79 12.67 -26.05
CA PHE A 75 -15.63 12.62 -27.23
C PHE A 75 -15.43 13.84 -28.12
N LEU A 76 -15.11 14.99 -27.52
CA LEU A 76 -15.05 16.26 -28.24
C LEU A 76 -13.66 16.87 -28.21
N HIS A 77 -12.61 16.03 -28.22
CA HIS A 77 -11.26 16.56 -28.08
C HIS A 77 -10.71 17.08 -29.41
N ASP A 78 -11.16 16.53 -30.52
CA ASP A 78 -10.70 16.93 -31.85
C ASP A 78 -11.83 17.55 -32.66
N VAL A 79 -12.63 18.40 -32.03
CA VAL A 79 -13.76 19.06 -32.66
C VAL A 79 -13.47 20.53 -32.96
N VAL A 80 -12.73 21.21 -32.09
CA VAL A 80 -12.56 22.65 -32.21
C VAL A 80 -11.78 22.99 -33.47
N GLU A 81 -10.55 22.52 -33.58
CA GLU A 81 -9.68 22.91 -34.68
C GLU A 81 -9.78 22.00 -35.90
N ASP A 82 -10.50 20.88 -35.79
CA ASP A 82 -10.69 20.00 -36.92
C ASP A 82 -11.98 20.26 -37.68
N THR A 83 -12.94 20.95 -37.07
CA THR A 83 -14.20 21.25 -37.73
C THR A 83 -14.52 22.73 -37.70
N ASP A 84 -15.73 23.09 -38.13
CA ASP A 84 -16.18 24.49 -38.07
C ASP A 84 -16.59 24.90 -36.67
N VAL A 85 -16.88 23.93 -35.79
CA VAL A 85 -17.28 24.23 -34.43
C VAL A 85 -16.10 24.82 -33.66
N THR A 86 -16.34 25.91 -32.94
CA THR A 86 -15.30 26.64 -32.22
C THR A 86 -15.41 26.36 -30.73
N LEU A 87 -14.51 27.00 -29.97
CA LEU A 87 -14.51 26.84 -28.52
C LEU A 87 -15.74 27.49 -27.88
N ASP A 88 -16.15 28.65 -28.40
CA ASP A 88 -17.35 29.30 -27.88
C ASP A 88 -18.60 28.45 -28.13
N ASP A 89 -18.64 27.71 -29.24
CA ASP A 89 -19.76 26.81 -29.49
C ASP A 89 -19.85 25.75 -28.41
N LEU A 90 -18.71 25.16 -28.03
CA LEU A 90 -18.73 24.15 -26.98
C LEU A 90 -19.05 24.76 -25.63
N LYS A 91 -18.56 25.97 -25.36
CA LYS A 91 -18.84 26.62 -24.09
C LYS A 91 -20.32 26.95 -23.94
N GLU A 92 -20.97 27.35 -25.04
CA GLU A 92 -22.41 27.59 -25.00
C GLU A 92 -23.18 26.28 -24.99
N ALA A 93 -22.62 25.22 -25.57
CA ALA A 93 -23.33 23.95 -25.67
C ALA A 93 -23.47 23.28 -24.32
N PHE A 94 -22.35 22.99 -23.65
CA PHE A 94 -22.39 22.18 -22.44
C PHE A 94 -22.04 22.97 -21.18
N SER A 95 -20.86 23.58 -21.11
CA SER A 95 -20.41 24.24 -19.89
C SER A 95 -19.07 24.91 -20.18
N GLU A 96 -18.55 25.59 -19.15
CA GLU A 96 -17.22 26.17 -19.22
C GLU A 96 -16.12 25.15 -18.94
N GLU A 97 -16.40 24.15 -18.11
CA GLU A 97 -15.37 23.17 -17.75
C GLU A 97 -15.01 22.29 -18.94
N VAL A 98 -16.01 21.84 -19.71
CA VAL A 98 -15.72 21.05 -20.90
C VAL A 98 -14.91 21.88 -21.90
N ALA A 99 -15.22 23.18 -22.00
CA ALA A 99 -14.45 24.06 -22.86
C ALA A 99 -13.01 24.15 -22.41
N MET A 100 -12.80 24.30 -21.09
CA MET A 100 -11.44 24.32 -20.55
C MET A 100 -10.69 23.02 -20.88
N LEU A 101 -11.36 21.88 -20.71
CA LEU A 101 -10.71 20.59 -20.97
C LEU A 101 -10.33 20.46 -22.43
N VAL A 102 -11.25 20.77 -23.34
CA VAL A 102 -10.97 20.63 -24.77
C VAL A 102 -9.89 21.62 -25.21
N ASP A 103 -9.94 22.84 -24.69
CA ASP A 103 -8.92 23.83 -25.04
C ASP A 103 -7.54 23.39 -24.54
N GLY A 104 -7.48 22.80 -23.35
CA GLY A 104 -6.21 22.30 -22.86
C GLY A 104 -5.68 21.14 -23.68
N VAL A 105 -6.57 20.23 -24.09
CA VAL A 105 -6.16 19.12 -24.95
C VAL A 105 -5.61 19.65 -26.27
N THR A 106 -6.29 20.64 -26.84
CA THR A 106 -5.81 21.21 -28.11
C THR A 106 -4.50 21.95 -27.93
N LYS A 107 -4.35 22.68 -26.82
CA LYS A 107 -3.10 23.41 -26.57
C LYS A 107 -1.93 22.45 -26.40
N LEU A 108 -2.14 21.34 -25.69
CA LEU A 108 -1.07 20.35 -25.57
C LEU A 108 -0.86 19.59 -26.88
N GLY A 109 -1.85 19.59 -27.77
CA GLY A 109 -1.60 19.17 -29.13
C GLY A 109 -0.74 20.14 -29.91
N LYS A 110 -0.70 21.41 -29.48
CA LYS A 110 0.16 22.42 -30.07
C LYS A 110 1.41 22.56 -29.19
N ILE A 111 2.37 21.67 -29.41
CA ILE A 111 3.53 21.57 -28.56
C ILE A 111 4.70 22.32 -29.19
N LYS A 112 5.72 22.58 -28.38
CA LYS A 112 6.90 23.34 -28.78
C LYS A 112 8.16 22.56 -28.43
N TYR A 113 9.20 22.72 -29.23
CA TYR A 113 10.49 22.10 -28.95
C TYR A 113 11.28 22.95 -27.95
N LYS A 114 12.07 22.27 -27.14
CA LYS A 114 12.87 22.91 -26.11
C LYS A 114 14.31 22.42 -26.22
N SER A 115 15.26 23.28 -25.84
CA SER A 115 16.67 22.95 -25.93
C SER A 115 17.01 21.71 -25.12
N GLN A 116 16.39 21.55 -23.96
CA GLN A 116 16.63 20.42 -23.09
C GLN A 116 15.42 19.49 -23.07
N GLU A 117 15.68 18.22 -22.75
CA GLU A 117 14.61 17.22 -22.75
C GLU A 117 13.77 17.29 -21.48
N GLU A 118 14.43 17.30 -20.32
CA GLU A 118 13.70 17.47 -19.07
C GLU A 118 12.94 18.78 -19.06
N GLN A 119 13.46 19.81 -19.72
CA GLN A 119 12.77 21.10 -19.76
C GLN A 119 11.52 21.04 -20.63
N GLN A 120 11.54 20.28 -21.73
CA GLN A 120 10.32 20.14 -22.52
C GLN A 120 9.30 19.25 -21.80
N ALA A 121 9.77 18.26 -21.04
CA ALA A 121 8.85 17.53 -20.17
C ALA A 121 8.21 18.45 -19.15
N GLU A 122 9.01 19.34 -18.56
CA GLU A 122 8.47 20.30 -17.60
C GLU A 122 7.53 21.30 -18.27
N ASN A 123 7.76 21.63 -19.55
CA ASN A 123 6.83 22.50 -20.27
C ASN A 123 5.50 21.80 -20.49
N HIS A 124 5.54 20.53 -20.90
CA HIS A 124 4.31 19.76 -21.04
C HIS A 124 3.58 19.64 -19.70
N ARG A 125 4.33 19.57 -18.61
CA ARG A 125 3.71 19.55 -17.28
C ARG A 125 3.12 20.91 -16.92
N LYS A 126 3.82 21.99 -17.28
CA LYS A 126 3.39 23.33 -16.90
C LYS A 126 2.14 23.76 -17.64
N MET A 127 2.04 23.44 -18.94
CA MET A 127 0.82 23.74 -19.67
C MET A 127 -0.40 23.15 -18.97
N PHE A 128 -0.32 21.87 -18.62
CA PHE A 128 -1.39 21.22 -17.88
C PHE A 128 -1.64 21.93 -16.55
N VAL A 129 -0.62 21.98 -15.68
CA VAL A 129 -0.81 22.49 -14.32
C VAL A 129 -1.40 23.90 -14.33
N ALA A 130 -1.00 24.73 -15.29
CA ALA A 130 -1.54 26.08 -15.36
C ALA A 130 -2.98 26.07 -15.86
N MET A 131 -3.24 25.35 -16.97
CA MET A 131 -4.59 25.33 -17.51
C MET A 131 -5.51 24.36 -16.75
N ALA A 132 -4.95 23.35 -16.09
CA ALA A 132 -5.78 22.40 -15.35
C ALA A 132 -4.92 21.77 -14.25
N GLN A 133 -5.11 22.20 -13.01
CA GLN A 133 -4.50 21.53 -11.88
C GLN A 133 -4.93 20.07 -11.80
N ASP A 134 -6.03 19.71 -12.46
CA ASP A 134 -6.51 18.34 -12.51
C ASP A 134 -5.72 17.54 -13.54
N ILE A 135 -6.17 16.31 -13.78
CA ILE A 135 -5.60 15.42 -14.77
C ILE A 135 -6.57 15.14 -15.91
N ARG A 136 -7.80 15.66 -15.82
CA ARG A 136 -8.81 15.41 -16.84
C ARG A 136 -8.28 15.72 -18.24
N VAL A 137 -7.65 16.89 -18.40
CA VAL A 137 -7.01 17.22 -19.68
C VAL A 137 -5.89 16.23 -19.98
N ILE A 138 -5.07 15.95 -18.95
CA ILE A 138 -3.96 15.01 -19.13
C ILE A 138 -4.49 13.62 -19.44
N LEU A 139 -5.60 13.23 -18.81
CA LEU A 139 -6.18 11.91 -19.07
C LEU A 139 -6.71 11.82 -20.50
N ILE A 140 -7.40 12.86 -20.97
CA ILE A 140 -7.90 12.85 -22.34
C ILE A 140 -6.75 12.79 -23.34
N LYS A 141 -5.67 13.54 -23.07
CA LYS A 141 -4.53 13.52 -23.98
C LYS A 141 -3.82 12.17 -23.95
N LEU A 142 -3.75 11.54 -22.77
CA LEU A 142 -3.16 10.21 -22.68
C LEU A 142 -3.98 9.19 -23.44
N ALA A 143 -5.31 9.32 -23.40
CA ALA A 143 -6.16 8.42 -24.18
C ALA A 143 -5.97 8.65 -25.68
N ASP A 144 -5.89 9.92 -26.09
CA ASP A 144 -5.61 10.25 -27.49
C ASP A 144 -4.30 9.60 -27.95
N ARG A 145 -3.24 9.77 -27.16
CA ARG A 145 -1.95 9.20 -27.52
C ARG A 145 -1.97 7.68 -27.49
N LEU A 146 -2.73 7.08 -26.57
CA LEU A 146 -2.83 5.62 -26.53
C LEU A 146 -3.50 5.09 -27.79
N HIS A 147 -4.60 5.72 -28.21
CA HIS A 147 -5.24 5.28 -29.44
C HIS A 147 -4.37 5.55 -30.66
N ASN A 148 -3.56 6.62 -30.63
CA ASN A 148 -2.61 6.85 -31.71
C ASN A 148 -1.55 5.77 -31.76
N MET A 149 -1.09 5.31 -30.60
CA MET A 149 -0.11 4.23 -30.54
C MET A 149 -0.71 2.90 -30.97
N ARG A 150 -2.02 2.72 -30.75
CA ARG A 150 -2.65 1.47 -31.15
C ARG A 150 -2.83 1.37 -32.67
N THR A 151 -2.98 2.50 -33.35
CA THR A 151 -3.22 2.55 -34.79
C THR A 151 -2.07 3.24 -35.52
N LEU A 152 -0.85 2.87 -35.17
CA LEU A 152 0.33 3.54 -35.72
C LEU A 152 0.92 2.82 -36.93
N LYS A 153 0.49 1.60 -37.22
CA LYS A 153 1.12 0.83 -38.30
C LYS A 153 0.79 1.39 -39.68
N HIS A 154 -0.29 2.17 -39.82
CA HIS A 154 -0.67 2.72 -41.12
C HIS A 154 0.17 3.92 -41.52
N LEU A 155 1.02 4.43 -40.63
CA LEU A 155 1.81 5.64 -40.82
C LEU A 155 3.20 5.30 -41.33
N PRO A 156 3.90 6.27 -41.93
CA PRO A 156 5.28 6.01 -42.35
C PRO A 156 6.19 5.73 -41.17
N GLN A 157 7.29 5.02 -41.46
CA GLN A 157 8.13 4.50 -40.40
C GLN A 157 8.82 5.60 -39.60
N GLU A 158 9.23 6.68 -40.27
CA GLU A 158 9.85 7.78 -39.54
C GLU A 158 8.86 8.47 -38.62
N LYS A 159 7.63 8.67 -39.08
CA LYS A 159 6.60 9.23 -38.22
C LYS A 159 6.28 8.30 -37.06
N GLN A 160 6.23 6.99 -37.34
CA GLN A 160 6.04 6.01 -36.27
C GLN A 160 7.11 6.16 -35.20
N ARG A 161 8.39 6.24 -35.62
CA ARG A 161 9.48 6.32 -34.66
C ARG A 161 9.46 7.63 -33.90
N ARG A 162 9.10 8.73 -34.57
CA ARG A 162 9.05 10.02 -33.87
C ARG A 162 7.92 10.05 -32.85
N ILE A 163 6.75 9.50 -33.20
CA ILE A 163 5.64 9.45 -32.25
C ILE A 163 5.98 8.55 -31.08
N SER A 164 6.63 7.41 -31.35
CA SER A 164 7.03 6.52 -30.28
C SER A 164 8.08 7.15 -29.38
N ASN A 165 8.99 7.96 -29.95
CA ASN A 165 9.95 8.68 -29.13
C ASN A 165 9.28 9.71 -28.23
N GLU A 166 8.35 10.48 -28.80
CA GLU A 166 7.60 11.43 -27.97
C GLU A 166 6.82 10.72 -26.88
N THR A 167 6.31 9.52 -27.17
CA THR A 167 5.58 8.76 -26.16
C THR A 167 6.51 8.28 -25.06
N LEU A 168 7.67 7.73 -25.43
CA LEU A 168 8.61 7.22 -24.44
C LEU A 168 9.23 8.33 -23.60
N GLU A 169 9.36 9.53 -24.15
CA GLU A 169 10.02 10.61 -23.43
C GLU A 169 9.04 11.50 -22.67
N ILE A 170 7.76 11.54 -23.06
CA ILE A 170 6.82 12.44 -22.44
C ILE A 170 5.62 11.70 -21.88
N PHE A 171 4.87 11.00 -22.73
CA PHE A 171 3.54 10.54 -22.35
C PHE A 171 3.61 9.34 -21.41
N ALA A 172 4.45 8.36 -21.72
CA ALA A 172 4.59 7.21 -20.82
C ALA A 172 5.15 7.60 -19.46
N PRO A 173 6.22 8.42 -19.36
CA PRO A 173 6.65 8.84 -18.01
C PRO A 173 5.61 9.67 -17.28
N LEU A 174 4.78 10.44 -17.99
CA LEU A 174 3.72 11.20 -17.33
C LEU A 174 2.66 10.26 -16.76
N ALA A 175 2.25 9.26 -17.56
CA ALA A 175 1.34 8.24 -17.06
C ALA A 175 1.92 7.55 -15.83
N HIS A 176 3.22 7.26 -15.84
CA HIS A 176 3.88 6.74 -14.65
C HIS A 176 3.83 7.74 -13.50
N ARG A 177 3.91 9.04 -13.81
CA ARG A 177 3.86 10.06 -12.78
C ARG A 177 2.53 10.05 -12.05
N LEU A 178 1.44 9.72 -12.76
CA LEU A 178 0.12 9.72 -12.14
C LEU A 178 -0.27 8.36 -11.55
N GLY A 179 0.61 7.37 -11.59
CA GLY A 179 0.31 6.06 -11.05
C GLY A 179 -0.50 5.17 -11.96
N ILE A 180 -0.94 5.67 -13.12
CA ILE A 180 -1.68 4.86 -14.08
C ILE A 180 -0.71 3.91 -14.77
N SER A 181 -0.70 2.65 -14.35
CA SER A 181 0.34 1.73 -14.77
C SER A 181 -0.02 0.94 -16.03
N LYS A 182 -1.31 0.65 -16.24
CA LYS A 182 -1.71 -0.06 -17.46
C LYS A 182 -1.34 0.74 -18.71
N ILE A 183 -1.71 2.02 -18.73
CA ILE A 183 -1.40 2.86 -19.86
C ILE A 183 0.12 3.01 -20.02
N LYS A 184 0.84 3.12 -18.91
CA LYS A 184 2.30 3.21 -18.97
C LYS A 184 2.89 1.99 -19.66
N TRP A 185 2.51 0.80 -19.20
CA TRP A 185 3.05 -0.43 -19.77
C TRP A 185 2.70 -0.55 -21.25
N GLU A 186 1.44 -0.27 -21.61
CA GLU A 186 1.03 -0.42 -23.00
C GLU A 186 1.77 0.59 -23.89
N LEU A 187 1.87 1.85 -23.46
CA LEU A 187 2.59 2.83 -24.24
C LEU A 187 4.06 2.46 -24.40
N GLU A 188 4.70 2.00 -23.32
CA GLU A 188 6.10 1.62 -23.41
C GLU A 188 6.31 0.46 -24.38
N ASP A 189 5.45 -0.57 -24.29
CA ASP A 189 5.61 -1.71 -25.18
C ASP A 189 5.35 -1.33 -26.63
N THR A 190 4.26 -0.60 -26.90
CA THR A 190 3.94 -0.23 -28.27
C THR A 190 4.92 0.79 -28.84
N ALA A 191 5.65 1.51 -27.98
CA ALA A 191 6.69 2.40 -28.49
C ALA A 191 7.98 1.65 -28.78
N LEU A 192 8.33 0.69 -27.92
CA LEU A 192 9.49 -0.15 -28.20
C LEU A 192 9.26 -1.01 -29.44
N ARG A 193 8.01 -1.34 -29.75
CA ARG A 193 7.73 -2.15 -30.93
C ARG A 193 8.17 -1.43 -32.21
N TYR A 194 8.01 -0.10 -32.25
CA TYR A 194 8.42 0.66 -33.43
C TYR A 194 9.86 1.14 -33.34
N LEU A 195 10.29 1.56 -32.14
CA LEU A 195 11.63 2.11 -32.01
C LEU A 195 12.71 1.03 -32.13
N ASN A 196 12.43 -0.17 -31.62
CA ASN A 196 13.39 -1.27 -31.66
C ASN A 196 12.61 -2.58 -31.77
N PRO A 197 12.07 -2.88 -32.95
CA PRO A 197 11.34 -4.14 -33.11
C PRO A 197 12.21 -5.37 -32.92
N GLN A 198 13.49 -5.29 -33.30
CA GLN A 198 14.39 -6.40 -33.09
C GLN A 198 14.47 -6.79 -31.62
N GLN A 199 14.74 -5.82 -30.75
CA GLN A 199 14.84 -6.11 -29.32
C GLN A 199 13.50 -6.52 -28.75
N TYR A 200 12.41 -5.92 -29.22
CA TYR A 200 11.08 -6.30 -28.76
C TYR A 200 10.83 -7.78 -29.00
N TYR A 201 10.95 -8.23 -30.24
CA TYR A 201 10.65 -9.63 -30.54
C TYR A 201 11.72 -10.56 -30.00
N ARG A 202 12.95 -10.08 -29.81
CA ARG A 202 13.96 -10.90 -29.15
C ARG A 202 13.58 -11.17 -27.70
N ILE A 203 13.14 -10.13 -26.98
CA ILE A 203 12.68 -10.32 -25.61
C ILE A 203 11.47 -11.25 -25.58
N VAL A 204 10.57 -11.10 -26.55
CA VAL A 204 9.38 -11.95 -26.60
C VAL A 204 9.77 -13.41 -26.73
N ASN A 205 10.56 -13.74 -27.76
CA ASN A 205 10.93 -15.13 -27.99
C ASN A 205 11.98 -15.64 -27.01
N LEU A 206 12.59 -14.78 -26.20
CA LEU A 206 13.39 -15.25 -25.09
C LEU A 206 12.53 -15.63 -23.89
N MET A 207 11.50 -14.83 -23.62
CA MET A 207 10.54 -15.18 -22.56
C MET A 207 9.77 -16.45 -22.91
N LYS A 208 9.55 -16.69 -24.20
CA LYS A 208 8.76 -17.85 -24.64
C LYS A 208 9.34 -19.15 -24.08
N LYS A 209 10.64 -19.37 -24.25
CA LYS A 209 11.21 -20.68 -23.97
C LYS A 209 11.09 -21.04 -22.50
N LYS A 210 11.31 -20.07 -21.61
CA LYS A 210 11.37 -20.36 -20.18
C LYS A 210 10.04 -20.11 -19.47
N ARG A 211 9.05 -19.49 -20.11
CA ARG A 211 7.81 -19.24 -19.39
C ARG A 211 7.04 -20.51 -19.04
N ALA A 212 7.32 -21.64 -19.69
CA ALA A 212 6.65 -22.89 -19.32
C ALA A 212 7.17 -23.40 -17.97
N GLU A 213 8.49 -23.60 -17.86
CA GLU A 213 9.07 -23.97 -16.57
C GLU A 213 8.79 -22.90 -15.53
N ARG A 214 8.64 -21.64 -15.95
CA ARG A 214 8.30 -20.60 -14.98
C ARG A 214 6.86 -20.72 -14.50
N GLU A 215 5.94 -21.10 -15.39
CA GLU A 215 4.57 -21.38 -14.95
C GLU A 215 4.55 -22.52 -13.96
N LEU A 216 5.39 -23.54 -14.20
CA LEU A 216 5.47 -24.65 -13.25
C LEU A 216 6.01 -24.17 -11.90
N TYR A 217 7.12 -23.42 -11.92
CA TYR A 217 7.66 -22.83 -10.70
C TYR A 217 6.61 -22.03 -9.96
N VAL A 218 5.90 -21.15 -10.68
CA VAL A 218 4.87 -20.32 -10.07
C VAL A 218 3.81 -21.20 -9.43
N ASP A 219 3.11 -22.00 -10.24
CA ASP A 219 2.07 -22.90 -9.74
C ASP A 219 2.49 -23.63 -8.47
N GLU A 220 3.72 -24.16 -8.45
CA GLU A 220 4.17 -24.89 -7.26
C GLU A 220 4.33 -23.95 -6.07
N VAL A 221 4.97 -22.80 -6.27
CA VAL A 221 5.17 -21.86 -5.17
C VAL A 221 3.84 -21.31 -4.67
N VAL A 222 2.92 -21.04 -5.59
CA VAL A 222 1.57 -20.58 -5.24
C VAL A 222 0.86 -21.62 -4.40
N ASN A 223 0.92 -22.88 -4.82
CA ASN A 223 0.27 -23.95 -4.07
C ASN A 223 0.84 -24.05 -2.67
N GLU A 224 2.16 -24.07 -2.55
CA GLU A 224 2.79 -24.15 -1.24
C GLU A 224 2.45 -22.94 -0.38
N VAL A 225 2.45 -21.74 -0.99
CA VAL A 225 2.17 -20.52 -0.24
C VAL A 225 0.76 -20.55 0.32
N LYS A 226 -0.22 -20.90 -0.53
CA LYS A 226 -1.60 -20.88 -0.04
C LYS A 226 -1.83 -22.01 0.97
N LYS A 227 -1.19 -23.17 0.77
CA LYS A 227 -1.33 -24.25 1.73
C LYS A 227 -0.74 -23.89 3.09
N ARG A 228 0.33 -23.09 3.12
CA ARG A 228 0.93 -22.69 4.39
C ARG A 228 0.34 -21.39 4.94
N VAL A 229 -0.41 -20.65 4.14
CA VAL A 229 -1.03 -19.41 4.60
C VAL A 229 -2.43 -19.66 5.14
N GLU A 230 -3.24 -20.44 4.42
CA GLU A 230 -4.59 -20.74 4.90
C GLU A 230 -4.59 -21.49 6.23
N GLU A 231 -3.43 -22.00 6.66
CA GLU A 231 -3.35 -22.63 7.98
C GLU A 231 -3.40 -21.61 9.11
N VAL A 232 -2.89 -20.40 8.86
CA VAL A 232 -2.90 -19.36 9.89
C VAL A 232 -4.21 -18.59 9.80
N ASN A 233 -5.13 -19.09 8.97
CA ASN A 233 -6.49 -18.53 8.85
C ASN A 233 -6.46 -17.09 8.35
N ILE A 234 -5.85 -16.90 7.19
CA ILE A 234 -5.84 -15.61 6.49
C ILE A 234 -6.03 -15.89 5.01
N LYS A 235 -7.13 -15.40 4.44
CA LYS A 235 -7.47 -15.66 3.06
C LYS A 235 -6.87 -14.59 2.15
N ALA A 236 -6.53 -15.01 0.92
CA ALA A 236 -5.91 -14.10 -0.03
C ALA A 236 -6.10 -14.62 -1.45
N ASP A 237 -6.86 -13.88 -2.26
CA ASP A 237 -6.94 -14.17 -3.69
C ASP A 237 -5.79 -13.49 -4.40
N PHE A 238 -5.15 -14.22 -5.32
CA PHE A 238 -3.96 -13.71 -5.98
C PHE A 238 -3.66 -14.52 -7.22
N SER A 239 -2.61 -14.11 -7.94
CA SER A 239 -2.21 -14.75 -9.19
C SER A 239 -0.77 -14.35 -9.52
N GLY A 240 -0.27 -14.89 -10.63
CA GLY A 240 1.07 -14.56 -11.07
C GLY A 240 1.10 -13.26 -11.85
N ARG A 241 2.24 -12.57 -11.77
CA ARG A 241 2.41 -11.25 -12.37
C ARG A 241 3.32 -11.37 -13.59
N PRO A 242 2.78 -11.31 -14.81
CA PRO A 242 3.63 -11.39 -16.00
C PRO A 242 4.45 -10.11 -16.16
N LYS A 243 5.76 -10.27 -16.31
CA LYS A 243 6.66 -9.13 -16.48
C LYS A 243 6.55 -8.60 -17.90
N HIS A 244 6.16 -7.34 -18.05
CA HIS A 244 5.97 -6.76 -19.37
C HIS A 244 7.32 -6.55 -20.06
N ILE A 245 7.24 -6.32 -21.38
CA ILE A 245 8.44 -6.37 -22.21
C ILE A 245 9.34 -5.16 -21.98
N TYR A 246 8.74 -3.97 -21.88
CA TYR A 246 9.59 -2.78 -21.81
C TYR A 246 10.35 -2.71 -20.50
N SER A 247 9.83 -3.28 -19.42
CA SER A 247 10.63 -3.38 -18.20
C SER A 247 11.81 -4.33 -18.40
N ILE A 248 11.58 -5.42 -19.14
CA ILE A 248 12.67 -6.32 -19.48
C ILE A 248 13.75 -5.57 -20.27
N TYR A 249 13.33 -4.74 -21.22
CA TYR A 249 14.32 -3.96 -21.97
C TYR A 249 14.96 -2.88 -21.12
N ARG A 250 14.20 -2.30 -20.18
CA ARG A 250 14.73 -1.28 -19.28
C ARG A 250 15.89 -1.83 -18.47
N LYS A 251 15.72 -3.03 -17.91
CA LYS A 251 16.81 -3.67 -17.20
C LYS A 251 17.83 -4.29 -18.15
N MET A 252 17.43 -4.63 -19.36
CA MET A 252 18.32 -5.29 -20.31
C MET A 252 19.37 -4.34 -20.84
N VAL A 253 18.94 -3.14 -21.26
CA VAL A 253 19.88 -2.15 -21.77
C VAL A 253 20.90 -1.77 -20.71
N LEU A 254 20.53 -1.90 -19.43
CA LEU A 254 21.51 -1.79 -18.36
C LEU A 254 22.53 -2.90 -18.53
N GLN A 255 23.78 -2.53 -18.85
CA GLN A 255 24.75 -3.50 -19.35
C GLN A 255 24.98 -4.64 -18.37
N ASN A 256 24.97 -4.34 -17.07
CA ASN A 256 25.14 -5.38 -16.06
C ASN A 256 24.02 -6.41 -16.15
N LYS A 257 22.78 -5.94 -16.24
CA LYS A 257 21.62 -6.83 -16.18
C LYS A 257 21.35 -7.42 -17.56
N GLN A 258 22.13 -8.44 -17.89
CA GLN A 258 21.81 -9.29 -19.03
C GLN A 258 20.54 -10.08 -18.72
N PHE A 259 19.81 -10.45 -19.78
CA PHE A 259 18.51 -11.09 -19.59
C PHE A 259 18.63 -12.33 -18.71
N ASN A 260 19.63 -13.16 -18.97
CA ASN A 260 19.85 -14.33 -18.13
C ASN A 260 19.97 -13.89 -16.67
N GLU A 261 19.30 -14.65 -15.80
CA GLU A 261 19.27 -14.40 -14.35
C GLU A 261 18.96 -12.95 -14.01
N ILE A 262 18.09 -12.30 -14.80
CA ILE A 262 17.44 -11.10 -14.27
C ILE A 262 16.68 -11.53 -13.02
N TYR A 263 17.00 -10.89 -11.89
CA TYR A 263 16.64 -11.47 -10.60
C TYR A 263 15.14 -11.37 -10.34
N ASP A 264 14.50 -10.28 -10.73
CA ASP A 264 13.06 -10.35 -10.95
C ASP A 264 12.81 -11.29 -12.11
N LEU A 265 11.94 -12.27 -11.87
CA LEU A 265 11.54 -13.27 -12.87
C LEU A 265 10.01 -13.41 -12.84
N LEU A 266 9.33 -12.27 -13.05
CA LEU A 266 7.86 -12.25 -13.19
C LEU A 266 7.18 -13.10 -12.10
N ALA A 267 7.42 -12.69 -10.87
CA ALA A 267 6.97 -13.52 -9.77
C ALA A 267 5.49 -13.31 -9.51
N VAL A 268 5.02 -13.89 -8.43
CA VAL A 268 3.60 -13.92 -8.08
C VAL A 268 3.27 -12.69 -7.25
N ARG A 269 2.07 -12.14 -7.44
CA ARG A 269 1.57 -11.08 -6.58
C ARG A 269 0.54 -11.68 -5.64
N ILE A 270 0.35 -11.05 -4.49
CA ILE A 270 -0.56 -11.56 -3.46
C ILE A 270 -1.42 -10.41 -2.99
N LEU A 271 -2.72 -10.49 -3.26
CA LEU A 271 -3.68 -9.49 -2.81
C LEU A 271 -4.35 -9.99 -1.54
N VAL A 272 -4.45 -9.11 -0.55
CA VAL A 272 -4.96 -9.47 0.78
C VAL A 272 -5.72 -8.27 1.34
N ASN A 273 -6.39 -8.49 2.47
CA ASN A 273 -7.39 -7.54 2.96
C ASN A 273 -6.76 -6.38 3.71
N SER A 274 -5.83 -6.66 4.64
CA SER A 274 -5.30 -5.64 5.52
C SER A 274 -3.77 -5.62 5.47
N ILE A 275 -3.19 -4.57 6.05
CA ILE A 275 -1.74 -4.41 6.05
C ILE A 275 -1.09 -5.41 6.99
N LYS A 276 -1.72 -5.66 8.15
CA LYS A 276 -1.23 -6.71 9.04
C LYS A 276 -1.20 -8.05 8.33
N ASP A 277 -2.21 -8.32 7.50
CA ASP A 277 -2.19 -9.53 6.68
C ASP A 277 -1.06 -9.50 5.67
N CYS A 278 -0.77 -8.31 5.11
CA CYS A 278 0.37 -8.17 4.20
C CYS A 278 1.65 -8.62 4.88
N TYR A 279 1.92 -8.08 6.07
CA TYR A 279 3.16 -8.42 6.75
C TYR A 279 3.16 -9.85 7.26
N ALA A 280 1.98 -10.40 7.56
CA ALA A 280 1.91 -11.82 7.91
C ALA A 280 2.30 -12.69 6.73
N VAL A 281 1.81 -12.35 5.53
CA VAL A 281 2.22 -13.08 4.33
C VAL A 281 3.71 -12.91 4.09
N LEU A 282 4.23 -11.71 4.36
CA LEU A 282 5.68 -11.46 4.27
C LEU A 282 6.45 -12.42 5.17
N GLY A 283 6.04 -12.53 6.43
CA GLY A 283 6.72 -13.42 7.35
C GLY A 283 6.60 -14.88 6.95
N ILE A 284 5.44 -15.28 6.43
CA ILE A 284 5.25 -16.65 5.99
C ILE A 284 6.19 -16.97 4.83
N ILE A 285 6.30 -16.05 3.87
CA ILE A 285 7.19 -16.28 2.73
C ILE A 285 8.65 -16.27 3.17
N HIS A 286 9.00 -15.43 4.14
CA HIS A 286 10.36 -15.43 4.66
C HIS A 286 10.69 -16.72 5.41
N THR A 287 9.69 -17.34 6.04
CA THR A 287 9.94 -18.59 6.75
C THR A 287 9.93 -19.79 5.82
N CYS A 288 9.22 -19.71 4.69
CA CYS A 288 9.22 -20.81 3.75
C CYS A 288 10.48 -20.83 2.89
N TRP A 289 11.08 -19.67 2.63
CA TRP A 289 12.28 -19.61 1.80
C TRP A 289 13.17 -18.48 2.29
N LYS A 290 14.48 -18.69 2.15
CA LYS A 290 15.45 -17.70 2.60
C LYS A 290 15.37 -16.44 1.73
N PRO A 291 15.22 -15.26 2.32
CA PRO A 291 15.23 -14.04 1.52
C PRO A 291 16.64 -13.65 1.12
N MET A 292 16.77 -13.09 -0.08
CA MET A 292 18.07 -12.60 -0.53
C MET A 292 18.35 -11.25 0.14
N PRO A 293 19.56 -11.06 0.68
CA PRO A 293 19.84 -9.83 1.45
C PRO A 293 19.74 -8.59 0.58
N GLY A 294 19.15 -7.54 1.15
CA GLY A 294 18.99 -6.28 0.45
C GLY A 294 17.97 -6.29 -0.67
N ARG A 295 17.34 -7.43 -0.95
CA ARG A 295 16.34 -7.53 -2.00
C ARG A 295 14.93 -7.27 -1.48
N PHE A 296 14.79 -6.79 -0.25
CA PHE A 296 13.50 -6.47 0.33
C PHE A 296 13.23 -4.98 0.22
N LYS A 297 12.05 -4.62 -0.27
CA LYS A 297 11.62 -3.24 -0.41
C LYS A 297 10.23 -3.09 0.20
N ASP A 298 10.09 -2.12 1.10
CA ASP A 298 8.84 -1.84 1.81
C ASP A 298 8.25 -0.58 1.23
N TYR A 299 7.40 -0.74 0.22
CA TYR A 299 6.71 0.39 -0.40
C TYR A 299 5.39 0.71 0.29
N ILE A 300 5.12 0.10 1.44
CA ILE A 300 3.94 0.45 2.23
C ILE A 300 4.27 1.53 3.26
N ALA A 301 5.33 1.31 4.05
CA ALA A 301 5.76 2.33 5.01
C ALA A 301 6.51 3.47 4.33
N MET A 302 7.11 3.22 3.16
CA MET A 302 7.77 4.24 2.35
C MET A 302 7.13 4.21 0.96
N PRO A 303 5.93 4.75 0.82
CA PRO A 303 5.24 4.66 -0.47
C PRO A 303 5.97 5.41 -1.56
N LYS A 304 5.88 4.88 -2.78
CA LYS A 304 6.42 5.58 -3.93
C LYS A 304 5.66 6.90 -4.12
N PRO A 305 6.34 7.94 -4.61
CA PRO A 305 5.69 9.25 -4.72
C PRO A 305 4.47 9.26 -5.63
N ASN A 306 4.33 8.29 -6.52
CA ASN A 306 3.13 8.14 -7.35
C ASN A 306 2.06 7.32 -6.66
N MET A 307 2.07 7.27 -5.33
CA MET A 307 1.12 6.56 -4.47
C MET A 307 1.24 5.04 -4.57
N TYR A 308 2.22 4.53 -5.29
CA TYR A 308 2.42 3.09 -5.36
C TYR A 308 2.70 2.54 -3.96
N GLN A 309 2.10 1.39 -3.67
CA GLN A 309 2.15 0.83 -2.32
C GLN A 309 2.14 -0.69 -2.42
N SER A 310 3.26 -1.33 -2.09
CA SER A 310 3.36 -2.79 -2.14
C SER A 310 4.50 -3.23 -1.23
N LEU A 311 4.87 -4.50 -1.33
CA LEU A 311 5.95 -5.10 -0.57
C LEU A 311 6.65 -6.10 -1.48
N HIS A 312 7.91 -5.84 -1.80
CA HIS A 312 8.67 -6.70 -2.71
C HIS A 312 9.74 -7.44 -1.92
N THR A 313 9.87 -8.74 -2.19
CA THR A 313 10.95 -9.50 -1.54
C THR A 313 11.39 -10.63 -2.46
N THR A 314 12.69 -10.67 -2.76
CA THR A 314 13.26 -11.70 -3.62
C THR A 314 13.85 -12.80 -2.74
N VAL A 315 13.34 -14.01 -2.90
CA VAL A 315 13.75 -15.16 -2.10
C VAL A 315 14.27 -16.26 -3.01
N ILE A 316 14.84 -17.29 -2.39
CA ILE A 316 15.43 -18.40 -3.12
C ILE A 316 14.34 -19.29 -3.72
N GLY A 317 13.33 -19.62 -2.92
CA GLY A 317 12.16 -20.30 -3.43
C GLY A 317 12.43 -21.72 -3.94
N PRO A 318 11.89 -22.02 -5.12
CA PRO A 318 12.03 -23.37 -5.69
C PRO A 318 13.42 -23.62 -6.25
N LYS A 319 13.57 -24.74 -6.98
CA LYS A 319 14.81 -25.03 -7.70
C LYS A 319 15.45 -23.79 -8.31
N GLY A 320 14.65 -22.98 -9.01
CA GLY A 320 15.18 -21.75 -9.57
C GLY A 320 15.59 -20.78 -8.48
N ASP A 321 16.69 -20.06 -8.71
CA ASP A 321 17.28 -19.24 -7.64
C ASP A 321 16.42 -18.05 -7.26
N PRO A 322 16.02 -17.15 -8.18
CA PRO A 322 15.28 -15.96 -7.72
C PRO A 322 13.76 -16.10 -7.80
N LEU A 323 13.05 -15.43 -6.89
CA LEU A 323 11.61 -15.21 -7.02
C LEU A 323 11.21 -14.01 -6.18
N GLU A 324 10.71 -12.94 -6.81
CA GLU A 324 10.47 -11.68 -6.11
C GLU A 324 8.97 -11.48 -5.87
N VAL A 325 8.48 -12.04 -4.77
CA VAL A 325 7.06 -12.01 -4.47
C VAL A 325 6.65 -10.59 -4.06
N GLN A 326 5.49 -10.17 -4.55
CA GLN A 326 4.89 -8.88 -4.24
C GLN A 326 3.63 -9.09 -3.40
N ILE A 327 3.43 -8.21 -2.42
CA ILE A 327 2.31 -8.30 -1.49
C ILE A 327 1.69 -6.92 -1.33
N ARG A 328 0.38 -6.83 -1.52
CA ARG A 328 -0.32 -5.56 -1.33
C ARG A 328 -1.80 -5.83 -1.10
N THR A 329 -2.52 -4.78 -0.71
CA THR A 329 -3.96 -4.87 -0.49
C THR A 329 -4.72 -4.49 -1.74
N PHE A 330 -6.05 -4.64 -1.69
CA PHE A 330 -6.87 -4.39 -2.85
C PHE A 330 -6.98 -2.91 -3.17
N GLU A 331 -7.05 -2.06 -2.14
CA GLU A 331 -6.94 -0.63 -2.39
C GLU A 331 -5.58 -0.27 -2.95
N MET A 332 -4.52 -0.88 -2.40
CA MET A 332 -3.19 -0.68 -2.96
C MET A 332 -3.10 -1.18 -4.39
N HIS A 333 -3.84 -2.25 -4.72
CA HIS A 333 -3.84 -2.74 -6.10
C HIS A 333 -4.55 -1.77 -7.03
N GLU A 334 -5.72 -1.28 -6.63
CA GLU A 334 -6.42 -0.27 -7.41
C GLU A 334 -5.53 0.93 -7.66
N ILE A 335 -4.82 1.39 -6.63
CA ILE A 335 -3.91 2.52 -6.79
C ILE A 335 -2.81 2.17 -7.76
N ALA A 336 -1.99 1.16 -7.44
CA ALA A 336 -0.86 0.77 -8.28
C ALA A 336 -1.28 0.46 -9.71
N GLU A 337 -2.57 0.23 -9.96
CA GLU A 337 -3.02 -0.08 -11.31
C GLU A 337 -3.50 1.17 -12.05
N TYR A 338 -4.46 1.91 -11.49
CA TYR A 338 -5.07 3.02 -12.21
C TYR A 338 -4.82 4.38 -11.54
N GLY A 339 -3.75 4.54 -10.77
CA GLY A 339 -3.41 5.81 -10.15
C GLY A 339 -4.50 6.73 -9.63
N VAL A 340 -4.34 8.01 -9.97
CA VAL A 340 -5.27 9.04 -9.52
C VAL A 340 -6.67 8.77 -10.09
N ALA A 341 -6.74 8.34 -11.34
CA ALA A 341 -8.03 8.04 -11.97
C ALA A 341 -8.81 7.02 -11.14
N ALA A 342 -8.11 6.05 -10.54
CA ALA A 342 -8.75 5.11 -9.64
C ALA A 342 -9.11 5.78 -8.32
N HIS A 343 -8.22 6.64 -7.80
CA HIS A 343 -8.58 7.35 -6.59
C HIS A 343 -9.65 8.41 -6.87
N TRP A 344 -9.42 9.25 -7.87
CA TRP A 344 -10.33 10.33 -8.29
C TRP A 344 -11.01 11.05 -7.13
N GLU A 354 -18.51 15.10 1.68
CA GLU A 354 -17.80 16.29 1.24
C GLU A 354 -18.68 17.15 0.36
N GLY A 355 -18.69 18.46 0.62
CA GLY A 355 -19.49 19.36 -0.18
C GLY A 355 -18.91 19.57 -1.57
N ALA A 356 -17.64 19.94 -1.64
CA ALA A 356 -16.93 20.14 -2.90
C ALA A 356 -15.73 19.20 -2.94
N THR A 357 -15.82 18.15 -3.74
CA THR A 357 -14.78 17.13 -3.81
C THR A 357 -13.74 17.41 -4.88
N PHE A 358 -13.85 18.51 -5.62
CA PHE A 358 -12.90 18.84 -6.67
C PHE A 358 -11.99 20.01 -6.31
N GLU A 359 -12.12 20.57 -5.11
CA GLU A 359 -11.25 21.67 -4.71
C GLU A 359 -9.90 21.15 -4.24
N LYS A 360 -9.89 20.31 -3.20
CA LYS A 360 -8.65 19.78 -2.66
C LYS A 360 -8.06 18.70 -3.56
N LYS A 361 -8.92 17.97 -4.29
CA LYS A 361 -8.48 16.85 -5.11
C LYS A 361 -7.44 17.30 -6.13
N LEU A 362 -7.80 18.24 -6.99
CA LEU A 362 -6.93 18.64 -8.08
C LEU A 362 -5.68 19.35 -7.56
N SER A 363 -5.79 20.06 -6.45
CA SER A 363 -4.61 20.71 -5.87
C SER A 363 -3.61 19.67 -5.37
N TRP A 364 -4.10 18.66 -4.65
CA TRP A 364 -3.20 17.59 -4.19
C TRP A 364 -2.61 16.83 -5.38
N PHE A 365 -3.38 16.66 -6.45
CA PHE A 365 -2.84 15.97 -7.63
C PHE A 365 -1.75 16.81 -8.31
N ARG A 366 -1.97 18.12 -8.40
CA ARG A 366 -0.92 19.00 -8.91
C ARG A 366 0.33 18.92 -8.06
N GLU A 367 0.18 18.87 -6.73
CA GLU A 367 1.33 18.78 -5.86
C GLU A 367 2.06 17.45 -6.05
N ILE A 368 1.32 16.35 -6.17
CA ILE A 368 1.96 15.05 -6.37
C ILE A 368 2.68 15.01 -7.70
N LEU A 369 2.17 15.73 -8.71
CA LEU A 369 2.87 15.79 -9.99
C LEU A 369 4.12 16.67 -9.89
N GLU A 370 4.03 17.78 -9.15
CA GLU A 370 5.17 18.67 -8.95
C GLU A 370 6.28 18.01 -8.15
N PHE A 371 5.97 16.99 -7.36
CA PHE A 371 7.02 16.20 -6.73
C PHE A 371 7.44 15.01 -7.59
N GLN A 372 6.52 14.45 -8.37
CA GLN A 372 6.87 13.32 -9.22
C GLN A 372 7.75 13.73 -10.40
N ASN A 373 7.78 15.01 -10.76
CA ASN A 373 8.78 15.44 -11.74
C ASN A 373 10.19 15.17 -11.23
N GLU A 374 10.49 15.62 -10.01
CA GLU A 374 11.77 15.32 -9.38
C GLU A 374 11.93 13.82 -9.16
N SER A 375 10.84 13.11 -8.86
CA SER A 375 10.92 11.67 -8.71
C SER A 375 11.27 10.97 -10.03
N THR A 376 10.87 11.54 -11.16
CA THR A 376 11.21 10.98 -12.45
C THR A 376 12.59 11.40 -12.92
N ASP A 377 13.11 12.51 -12.41
CA ASP A 377 14.51 12.84 -12.68
C ASP A 377 15.45 11.81 -12.05
N ALA A 378 15.00 11.14 -10.98
CA ALA A 378 15.71 10.03 -10.36
C ALA A 378 14.69 8.92 -10.11
N GLU A 379 14.49 8.07 -11.13
CA GLU A 379 13.35 7.18 -11.17
C GLU A 379 13.39 6.08 -10.11
N GLU A 380 14.57 5.72 -9.62
CA GLU A 380 14.69 4.62 -8.67
C GLU A 380 14.32 5.09 -7.27
N PHE A 381 14.69 4.31 -6.25
CA PHE A 381 14.16 4.38 -4.90
C PHE A 381 14.01 5.79 -4.36
N MET A 382 15.13 6.51 -4.22
CA MET A 382 15.13 7.93 -3.85
C MET A 382 14.23 8.18 -2.64
N GLU A 383 14.66 7.64 -1.50
CA GLU A 383 13.94 7.76 -0.23
C GLU A 383 13.28 9.12 -0.08
N SER A 384 11.98 9.11 0.17
CA SER A 384 11.15 10.31 0.16
C SER A 384 10.92 10.85 1.57
N LEU A 385 10.48 12.10 1.63
CA LEU A 385 10.16 12.79 2.88
C LEU A 385 11.33 12.77 3.85
N ASP A 388 10.67 9.12 6.76
CA ASP A 388 9.79 9.85 7.67
C ASP A 388 9.26 8.93 8.76
N LEU A 389 8.94 9.52 9.92
CA LEU A 389 8.43 8.79 11.08
C LEU A 389 6.92 8.94 11.21
N PHE A 390 6.20 8.99 10.09
CA PHE A 390 4.77 9.29 10.13
C PHE A 390 3.93 8.08 10.52
N SER A 391 4.35 6.89 10.13
CA SER A 391 3.53 5.70 10.39
C SER A 391 3.40 5.44 11.88
N ASP A 392 2.21 5.00 12.30
CA ASP A 392 1.92 4.79 13.71
C ASP A 392 2.08 3.34 14.16
N MET A 393 2.13 2.39 13.23
CA MET A 393 2.17 0.98 13.57
C MET A 393 3.41 0.33 12.95
N VAL A 394 4.22 -0.30 13.79
CA VAL A 394 5.36 -1.10 13.34
C VAL A 394 5.01 -2.56 13.50
N TYR A 395 5.31 -3.36 12.47
CA TYR A 395 4.95 -4.77 12.43
C TYR A 395 6.24 -5.57 12.61
N VAL A 396 6.32 -6.31 13.71
CA VAL A 396 7.51 -7.07 14.05
C VAL A 396 7.23 -8.56 13.86
N PHE A 397 8.29 -9.31 13.55
CA PHE A 397 8.20 -10.72 13.24
C PHE A 397 8.64 -11.57 14.41
N THR A 398 8.01 -12.74 14.55
CA THR A 398 8.52 -13.82 15.39
C THR A 398 9.30 -14.80 14.53
N PRO A 399 10.33 -15.46 15.08
CA PRO A 399 11.17 -16.34 14.23
C PRO A 399 10.40 -17.46 13.55
N LYS A 400 9.20 -17.80 14.03
CA LYS A 400 8.42 -18.85 13.38
C LYS A 400 7.65 -18.32 12.17
N GLY A 401 7.34 -17.02 12.15
CA GLY A 401 6.63 -16.45 11.03
C GLY A 401 5.47 -15.55 11.43
N ASP A 402 5.03 -15.66 12.67
CA ASP A 402 3.94 -14.82 13.14
C ASP A 402 4.38 -13.36 13.19
N VAL A 403 3.47 -12.47 12.82
CA VAL A 403 3.74 -11.04 12.73
C VAL A 403 2.75 -10.31 13.63
N ILE A 404 3.26 -9.50 14.55
CA ILE A 404 2.41 -8.77 15.48
C ILE A 404 2.66 -7.28 15.34
N GLU A 405 1.61 -6.50 15.52
CA GLU A 405 1.67 -5.05 15.36
C GLU A 405 1.85 -4.37 16.71
N LEU A 406 2.51 -3.22 16.68
CA LEU A 406 2.75 -2.44 17.88
C LEU A 406 2.70 -0.96 17.50
N PRO A 407 2.40 -0.08 18.45
CA PRO A 407 2.54 1.35 18.17
C PRO A 407 4.00 1.74 18.01
N SER A 408 4.25 2.71 17.13
CA SER A 408 5.61 3.14 16.86
C SER A 408 6.29 3.60 18.13
N GLY A 409 7.54 3.19 18.30
CA GLY A 409 8.27 3.43 19.53
C GLY A 409 8.12 2.36 20.58
N SER A 410 7.51 1.23 20.24
CA SER A 410 7.34 0.14 21.20
C SER A 410 8.67 -0.54 21.49
N VAL A 411 8.78 -1.09 22.69
CA VAL A 411 9.98 -1.75 23.15
C VAL A 411 9.73 -3.25 23.15
N PRO A 412 10.77 -4.10 23.23
CA PRO A 412 10.53 -5.55 23.33
C PRO A 412 9.67 -5.95 24.52
N ILE A 413 9.57 -5.11 25.54
CA ILE A 413 8.65 -5.39 26.65
C ILE A 413 7.23 -5.48 26.14
N ASP A 414 6.82 -4.50 25.32
CA ASP A 414 5.50 -4.52 24.73
C ASP A 414 5.30 -5.74 23.85
N PHE A 415 6.35 -6.12 23.10
CA PHE A 415 6.28 -7.32 22.28
C PHE A 415 5.99 -8.55 23.15
N SER A 416 6.76 -8.71 24.22
CA SER A 416 6.61 -9.87 25.10
C SER A 416 5.22 -9.90 25.71
N TYR A 417 4.75 -8.77 26.23
CA TYR A 417 3.41 -8.72 26.81
C TYR A 417 2.32 -8.91 25.77
N ARG A 418 2.59 -8.61 24.50
CA ARG A 418 1.62 -8.89 23.44
C ARG A 418 1.57 -10.38 23.12
N ILE A 419 2.72 -11.06 23.20
CA ILE A 419 2.73 -12.51 22.94
C ILE A 419 1.91 -13.24 24.00
N HIS A 420 2.24 -13.02 25.28
CA HIS A 420 1.53 -13.67 26.38
C HIS A 420 1.79 -12.88 27.66
N SER A 421 0.83 -12.94 28.57
CA SER A 421 0.95 -12.20 29.83
C SER A 421 2.05 -12.80 30.71
N GLU A 422 1.97 -14.09 30.99
CA GLU A 422 3.00 -14.76 31.79
C GLU A 422 4.36 -14.64 31.13
N ILE A 423 4.41 -14.83 29.81
CA ILE A 423 5.67 -14.68 29.07
C ILE A 423 6.23 -13.26 29.27
N GLY A 424 5.34 -12.27 29.34
CA GLY A 424 5.81 -10.91 29.55
C GLY A 424 6.33 -10.67 30.96
N ASN A 425 5.64 -11.21 31.96
CA ASN A 425 6.03 -10.93 33.35
C ASN A 425 7.42 -11.46 33.66
N LYS A 426 7.82 -12.59 33.07
CA LYS A 426 9.12 -13.21 33.34
C LYS A 426 10.13 -12.91 32.25
N THR A 427 10.11 -11.70 31.70
CA THR A 427 11.05 -11.31 30.66
C THR A 427 12.39 -10.92 31.27
N ILE A 428 13.47 -11.27 30.59
CA ILE A 428 14.82 -10.92 31.04
C ILE A 428 15.51 -10.10 29.97
N GLY A 429 15.71 -10.68 28.79
CA GLY A 429 16.40 -10.01 27.72
C GLY A 429 15.65 -10.05 26.40
N ALA A 430 16.30 -9.62 25.32
CA ALA A 430 15.65 -9.59 24.01
C ALA A 430 16.69 -9.72 22.91
N LYS A 431 16.30 -10.39 21.83
CA LYS A 431 17.15 -10.59 20.66
C LYS A 431 16.40 -10.08 19.44
N VAL A 432 16.89 -9.01 18.85
CA VAL A 432 16.31 -8.44 17.63
C VAL A 432 17.17 -8.87 16.45
N ASN A 433 16.57 -9.65 15.54
CA ASN A 433 17.24 -10.25 14.38
C ASN A 433 18.62 -10.80 14.75
N GLY A 434 18.66 -11.56 15.84
CA GLY A 434 19.89 -12.21 16.26
C GLY A 434 20.88 -11.32 16.97
N LYS A 435 20.45 -10.17 17.48
CA LYS A 435 21.32 -9.24 18.18
C LYS A 435 20.79 -9.03 19.60
N MET A 436 21.67 -9.21 20.59
CA MET A 436 21.31 -9.00 21.98
C MET A 436 21.04 -7.52 22.22
N VAL A 437 19.77 -7.15 22.35
CA VAL A 437 19.41 -5.75 22.52
C VAL A 437 18.92 -5.53 23.95
N THR A 438 18.85 -4.26 24.33
CA THR A 438 18.29 -3.89 25.60
C THR A 438 16.77 -3.81 25.51
N LEU A 439 16.11 -3.98 26.67
CA LEU A 439 14.67 -3.83 26.70
C LEU A 439 14.22 -2.41 26.39
N ASP A 440 15.11 -1.43 26.59
CA ASP A 440 14.84 -0.04 26.25
C ASP A 440 14.94 0.23 24.76
N HIS A 441 15.50 -0.69 23.98
CA HIS A 441 15.73 -0.46 22.56
C HIS A 441 14.40 -0.31 21.82
N LYS A 442 14.33 0.70 20.95
CA LYS A 442 13.15 0.92 20.15
C LYS A 442 13.06 -0.10 19.02
N LEU A 443 11.83 -0.40 18.60
CA LEU A 443 11.58 -1.42 17.60
C LEU A 443 11.28 -0.76 16.26
N ARG A 444 12.05 -1.13 15.23
CA ARG A 444 11.73 -0.77 13.87
C ARG A 444 10.73 -1.79 13.31
N THR A 445 10.31 -1.59 12.07
CA THR A 445 9.39 -2.52 11.43
C THR A 445 10.16 -3.57 10.63
N GLY A 446 9.63 -4.79 10.63
CA GLY A 446 10.18 -5.88 9.85
C GLY A 446 11.21 -6.73 10.56
N ASP A 447 11.95 -6.16 11.51
CA ASP A 447 12.99 -6.92 12.19
C ASP A 447 12.37 -7.99 13.09
N ILE A 448 13.06 -9.12 13.20
CA ILE A 448 12.57 -10.28 13.95
C ILE A 448 13.03 -10.18 15.39
N VAL A 449 12.10 -10.35 16.32
CA VAL A 449 12.35 -10.18 17.75
C VAL A 449 11.95 -11.45 18.48
N GLU A 450 12.78 -11.89 19.42
CA GLU A 450 12.49 -13.02 20.29
C GLU A 450 12.99 -12.67 21.69
N ILE A 451 12.12 -12.83 22.68
CA ILE A 451 12.45 -12.42 24.05
C ILE A 451 12.95 -13.61 24.84
N LEU A 452 13.75 -13.33 25.87
CA LEU A 452 14.29 -14.36 26.75
C LEU A 452 13.43 -14.44 28.01
N THR A 453 13.04 -15.67 28.36
CA THR A 453 12.07 -15.90 29.42
C THR A 453 12.57 -16.99 30.36
N SER A 454 12.14 -16.90 31.62
CA SER A 454 12.41 -17.92 32.63
C SER A 454 11.50 -17.70 33.84
N LYS A 455 10.81 -18.74 34.28
CA LYS A 455 9.88 -18.58 35.40
C LYS A 455 10.60 -18.27 36.71
N HIS A 456 11.89 -18.59 36.81
CA HIS A 456 12.69 -18.23 37.98
C HIS A 456 13.10 -16.77 37.83
N SER A 457 12.19 -15.88 38.21
CA SER A 457 12.40 -14.44 38.15
C SER A 457 11.30 -13.76 38.93
N TYR A 458 11.67 -12.72 39.69
CA TYR A 458 10.68 -11.97 40.46
C TYR A 458 9.66 -11.31 39.54
N GLY A 459 10.14 -10.61 38.51
CA GLY A 459 9.27 -9.97 37.55
C GLY A 459 9.84 -8.66 37.04
N PRO A 460 8.95 -7.73 36.68
CA PRO A 460 9.39 -6.43 36.17
C PRO A 460 10.06 -5.57 37.23
N SER A 461 10.50 -4.38 36.82
CA SER A 461 11.02 -3.37 37.73
C SER A 461 10.24 -2.07 37.52
N GLN A 462 10.51 -1.10 38.39
CA GLN A 462 9.78 0.17 38.33
C GLN A 462 10.01 0.91 37.02
N ASP A 463 11.12 0.65 36.34
CA ASP A 463 11.40 1.32 35.07
C ASP A 463 10.57 0.79 33.92
N TRP A 464 10.00 -0.41 34.06
CA TRP A 464 9.27 -1.02 32.95
C TRP A 464 8.02 -0.22 32.59
N VAL A 465 7.32 0.32 33.59
CA VAL A 465 6.12 1.09 33.30
C VAL A 465 6.47 2.37 32.56
N LYS A 466 7.71 2.86 32.71
CA LYS A 466 8.12 4.11 32.07
C LYS A 466 8.51 3.89 30.61
N LEU A 467 9.40 2.93 30.37
CA LEU A 467 9.95 2.74 29.03
C LEU A 467 9.03 1.95 28.11
N ALA A 468 7.93 1.40 28.62
CA ALA A 468 6.98 0.71 27.76
C ALA A 468 6.14 1.71 26.96
N GLN A 469 5.61 1.24 25.85
CA GLN A 469 4.78 2.06 24.98
C GLN A 469 3.36 1.55 24.80
N THR A 470 3.16 0.24 24.82
CA THR A 470 1.83 -0.33 24.67
C THR A 470 1.06 -0.22 25.98
N SER A 471 -0.17 0.28 25.90
CA SER A 471 -1.00 0.44 27.11
C SER A 471 -1.24 -0.89 27.80
N GLN A 472 -1.34 -1.99 27.03
CA GLN A 472 -1.57 -3.30 27.61
C GLN A 472 -0.44 -3.70 28.55
N ALA A 473 0.81 -3.50 28.11
CA ALA A 473 1.95 -3.84 28.94
C ALA A 473 1.98 -3.02 30.23
N LYS A 474 1.71 -1.72 30.12
CA LYS A 474 1.64 -0.88 31.30
C LYS A 474 0.57 -1.36 32.26
N HIS A 475 -0.60 -1.74 31.72
CA HIS A 475 -1.70 -2.22 32.57
C HIS A 475 -1.30 -3.50 33.30
N LYS A 476 -0.68 -4.43 32.59
CA LYS A 476 -0.27 -5.69 33.23
C LYS A 476 0.83 -5.45 34.26
N ILE A 477 1.73 -4.51 34.01
CA ILE A 477 2.77 -4.21 35.00
C ILE A 477 2.17 -3.58 36.26
N ARG A 478 1.23 -2.66 36.09
CA ARG A 478 0.52 -2.09 37.24
C ARG A 478 -0.19 -3.19 38.02
N GLN A 479 -0.87 -4.10 37.32
CA GLN A 479 -1.57 -5.20 37.98
C GLN A 479 -0.59 -6.08 38.77
N PHE A 480 0.56 -6.40 38.17
CA PHE A 480 1.55 -7.21 38.87
C PHE A 480 2.05 -6.53 40.13
N PHE A 481 2.36 -5.23 40.02
CA PHE A 481 2.86 -4.50 41.19
C PHE A 481 1.80 -4.41 42.27
N LYS A 482 0.52 -4.28 41.88
CA LYS A 482 -0.53 -4.21 42.89
C LYS A 482 -0.73 -5.57 43.57
N LYS A 483 -0.65 -6.66 42.82
CA LYS A 483 -0.70 -7.99 43.43
C LYS A 483 0.45 -8.19 44.41
N GLN A 484 1.65 -7.75 44.03
CA GLN A 484 2.80 -7.88 44.93
C GLN A 484 2.60 -7.04 46.18
N ARG A 485 2.06 -5.82 46.03
CA ARG A 485 1.77 -4.99 47.21
C ARG A 485 0.77 -5.68 48.13
N ARG A 486 -0.28 -6.28 47.55
CA ARG A 486 -1.28 -6.97 48.37
C ARG A 486 -0.65 -8.12 49.15
N GLU A 487 0.13 -8.97 48.47
CA GLU A 487 0.76 -10.08 49.16
C GLU A 487 1.77 -9.60 50.20
N GLU A 488 2.46 -8.49 49.93
CA GLU A 488 3.39 -7.92 50.88
C GLU A 488 2.68 -7.48 52.16
N ASN A 489 1.57 -6.73 52.00
CA ASN A 489 0.80 -6.28 53.15
C ASN A 489 0.17 -7.46 53.89
N VAL A 490 -0.18 -8.54 53.18
CA VAL A 490 -0.73 -9.71 53.84
C VAL A 490 0.33 -10.41 54.68
N GLU A 491 1.55 -10.51 54.14
CA GLU A 491 2.65 -11.10 54.91
C GLU A 491 2.93 -10.26 56.16
N LYS A 492 2.90 -8.94 56.02
CA LYS A 492 3.04 -8.07 57.19
C LYS A 492 1.95 -8.34 58.21
N GLY A 493 0.69 -8.19 57.80
CA GLY A 493 -0.47 -8.38 58.64
C GLY A 493 -0.65 -9.79 59.15
N ARG A 494 0.19 -10.71 58.70
CA ARG A 494 0.30 -12.01 59.37
C ARG A 494 1.39 -11.95 60.43
N GLU A 495 2.64 -11.79 60.00
CA GLU A 495 3.77 -12.02 60.91
C GLU A 495 3.96 -10.86 61.91
N LEU A 496 4.12 -9.64 61.39
CA LEU A 496 4.53 -8.53 62.24
C LEU A 496 3.50 -8.27 63.32
N VAL A 497 2.22 -8.28 62.96
CA VAL A 497 1.18 -8.08 63.96
C VAL A 497 0.84 -9.37 64.70
N GLU A 498 1.19 -10.54 64.15
CA GLU A 498 1.02 -11.77 64.93
C GLU A 498 1.93 -11.76 66.13
N LYS A 499 3.05 -11.05 66.05
CA LYS A 499 3.86 -10.85 67.24
C LYS A 499 3.52 -9.55 67.98
N GLU A 500 3.29 -8.45 67.24
CA GLU A 500 3.21 -7.11 67.82
C GLU A 500 1.98 -6.92 68.71
N ILE A 501 0.94 -7.73 68.55
CA ILE A 501 -0.31 -7.48 69.25
C ILE A 501 -0.14 -7.64 70.76
N LYS A 502 0.19 -8.85 71.20
CA LYS A 502 0.22 -9.21 72.62
C LYS A 502 1.44 -10.06 72.93
N ASN A 503 2.63 -9.59 72.51
CA ASN A 503 3.86 -10.41 72.38
C ASN A 503 3.97 -11.55 73.39
N LEU A 504 3.68 -11.27 74.66
CA LEU A 504 3.60 -12.31 75.67
C LEU A 504 2.17 -12.75 75.96
N ASP A 505 1.20 -11.85 75.81
CA ASP A 505 -0.15 -12.10 76.30
C ASP A 505 -0.88 -13.15 75.47
N PHE A 506 -0.51 -13.32 74.19
CA PHE A 506 -1.19 -14.29 73.35
C PHE A 506 -0.50 -15.66 73.34
N GLU A 507 0.38 -15.93 74.31
CA GLU A 507 1.04 -17.24 74.35
C GLU A 507 0.02 -18.37 74.29
N LEU A 508 -1.11 -18.19 74.99
CA LEU A 508 -2.22 -19.13 74.84
C LEU A 508 -2.76 -19.11 73.41
N LYS A 509 -2.93 -17.92 72.83
CA LYS A 509 -3.40 -17.83 71.45
C LYS A 509 -2.36 -18.38 70.47
N ASP A 510 -1.09 -18.36 70.83
CA ASP A 510 -0.10 -19.05 70.01
C ASP A 510 -0.19 -20.56 70.20
N VAL A 511 -0.66 -21.02 71.36
CA VAL A 511 -0.91 -22.44 71.56
C VAL A 511 -2.17 -22.87 70.82
N LEU A 512 -3.26 -22.13 71.00
CA LEU A 512 -4.54 -22.42 70.36
C LEU A 512 -4.78 -21.38 69.26
N THR A 513 -4.71 -21.83 68.00
CA THR A 513 -4.93 -20.99 66.83
C THR A 513 -6.17 -21.46 66.10
N PRO A 514 -7.36 -21.17 66.63
CA PRO A 514 -8.59 -21.71 66.05
C PRO A 514 -9.18 -20.84 64.96
N GLU A 515 -10.34 -21.25 64.43
CA GLU A 515 -11.06 -20.50 63.41
C GLU A 515 -12.18 -19.63 63.99
N ASN A 516 -12.42 -19.70 65.30
CA ASN A 516 -13.39 -18.79 65.90
C ASN A 516 -12.87 -17.36 65.93
N ILE A 517 -11.55 -17.18 66.08
CA ILE A 517 -10.96 -15.86 65.94
C ILE A 517 -11.09 -15.38 64.51
N GLN A 518 -11.06 -16.29 63.53
CA GLN A 518 -11.39 -15.92 62.16
C GLN A 518 -12.81 -15.37 62.08
N LYS A 519 -13.73 -15.96 62.85
CA LYS A 519 -15.12 -15.48 62.83
C LYS A 519 -15.23 -14.11 63.49
N VAL A 520 -14.52 -13.89 64.61
CA VAL A 520 -14.55 -12.57 65.24
C VAL A 520 -13.81 -11.54 64.39
N ALA A 521 -12.96 -11.99 63.47
CA ALA A 521 -12.40 -11.10 62.46
C ALA A 521 -13.36 -10.87 61.30
N ASP A 522 -14.30 -11.81 61.07
CA ASP A 522 -15.28 -11.66 60.02
C ASP A 522 -16.44 -10.76 60.42
N LYS A 523 -16.64 -10.51 61.71
CA LYS A 523 -17.69 -9.59 62.14
C LYS A 523 -17.37 -8.15 61.78
N PHE A 524 -16.09 -7.85 61.51
CA PHE A 524 -15.74 -6.56 60.92
C PHE A 524 -16.29 -6.43 59.51
N ASN A 525 -16.66 -7.55 58.89
CA ASN A 525 -17.34 -7.63 57.60
C ASN A 525 -16.70 -6.71 56.56
N PHE A 526 -15.38 -6.75 56.49
CA PHE A 526 -14.67 -6.14 55.37
C PHE A 526 -14.84 -7.01 54.12
N SER A 527 -14.20 -6.58 53.03
CA SER A 527 -14.45 -7.19 51.73
C SER A 527 -14.16 -8.68 51.73
N ASN A 528 -12.92 -9.06 52.04
CA ASN A 528 -12.51 -10.45 51.96
C ASN A 528 -11.65 -10.80 53.18
N GLU A 529 -11.49 -12.10 53.40
CA GLU A 529 -10.60 -12.57 54.46
C GLU A 529 -9.15 -12.21 54.15
N GLU A 530 -8.72 -12.46 52.91
CA GLU A 530 -7.45 -11.91 52.44
C GLU A 530 -7.41 -10.40 52.64
N ASP A 531 -8.56 -9.73 52.49
CA ASP A 531 -8.61 -8.31 52.80
C ASP A 531 -8.58 -8.06 54.32
N MET A 532 -9.14 -8.98 55.11
CA MET A 532 -9.00 -8.88 56.56
C MET A 532 -7.53 -8.86 56.95
N TYR A 533 -6.68 -9.58 56.22
CA TYR A 533 -5.24 -9.49 56.48
C TYR A 533 -4.60 -8.29 55.79
N ALA A 534 -5.09 -7.91 54.62
CA ALA A 534 -4.45 -6.85 53.85
C ALA A 534 -4.64 -5.49 54.50
N ALA A 535 -5.80 -5.25 55.10
CA ALA A 535 -6.03 -4.00 55.80
C ALA A 535 -5.07 -3.81 56.98
N VAL A 536 -4.53 -4.91 57.52
CA VAL A 536 -3.58 -4.81 58.61
C VAL A 536 -2.27 -4.18 58.15
N GLY A 537 -1.98 -4.21 56.85
CA GLY A 537 -0.81 -3.52 56.32
C GLY A 537 -0.81 -2.03 56.54
N TYR A 538 -1.94 -1.46 56.96
CA TYR A 538 -2.06 -0.05 57.28
C TYR A 538 -2.36 0.20 58.76
N ASN A 539 -3.40 -0.43 59.30
CA ASN A 539 -3.78 -0.30 60.70
C ASN A 539 -3.52 -1.61 61.42
N GLY A 540 -2.81 -1.54 62.54
CA GLY A 540 -2.49 -2.73 63.30
C GLY A 540 -3.15 -2.80 64.66
N ILE A 541 -3.86 -1.73 65.04
CA ILE A 541 -4.48 -1.68 66.36
C ILE A 541 -5.90 -2.22 66.37
N THR A 542 -6.57 -2.29 65.21
CA THR A 542 -7.96 -2.74 65.18
C THR A 542 -8.08 -4.19 65.62
N ALA A 543 -7.24 -5.07 65.08
CA ALA A 543 -7.22 -6.47 65.48
C ALA A 543 -6.46 -6.71 66.77
N LEU A 544 -5.92 -5.65 67.39
CA LEU A 544 -5.18 -5.81 68.64
C LEU A 544 -6.09 -5.91 69.85
N GLN A 545 -7.26 -5.27 69.79
CA GLN A 545 -8.20 -5.29 70.91
C GLN A 545 -9.24 -6.39 70.78
N VAL A 546 -9.47 -6.92 69.58
CA VAL A 546 -10.55 -7.87 69.34
C VAL A 546 -9.96 -9.26 69.20
N ALA A 547 -8.83 -9.51 69.86
CA ALA A 547 -8.25 -10.85 69.90
C ALA A 547 -9.14 -11.85 70.62
N ASN A 548 -10.20 -11.39 71.29
CA ASN A 548 -11.14 -12.27 71.97
C ASN A 548 -11.82 -13.21 70.97
#